data_7K15
#
_entry.id   7K15
#
_cell.length_a   70.770
_cell.length_b   82.670
_cell.length_c   127.480
_cell.angle_alpha   90.000
_cell.angle_beta   90.000
_cell.angle_gamma   90.000
#
_symmetry.space_group_name_H-M   'P 21 2 21'
#
loop_
_entity.id
_entity.type
_entity.pdbx_description
1 polymer 'Leukotriene B4 receptor 1,Flavodoxin,Leukotriene B4 receptor 1'
2 non-polymer N-(tert-butylsulfonyl)-4-fluoro-2-{(3S,4R)-4-hydroxy-3-[(pyridin-2-yl)methyl]-3,4-dihydro-2H-1-benzopyran-7-yl}benzamide
3 non-polymer 'SODIUM ION'
4 non-polymer 'FLAVIN MONONUCLEOTIDE'
5 non-polymer 'OLEIC ACID'
6 non-polymer '(2R)-2,3-dihydroxypropyl (9Z)-octadec-9-enoate'
7 non-polymer 'PENTAETHYLENE GLYCOL'
8 non-polymer 'NONAETHYLENE GLYCOL'
9 non-polymer 'HEXAETHYLENE GLYCOL'
10 water water
#
_entity_poly.entity_id   1
_entity_poly.type   'polypeptide(L)'
_entity_poly.pdbx_seq_one_letter_code
;MKTIIALSYIFCLVFADYKDDDDAGRASSAAPPSLGVEFISLLAIILLSVALAVGLPGNSFVVWSILKRMQKRSVTALMV
LNLALADLAVLLTAPFFLHFLAQGTWSFGLAGCRLCHYVCGVSMYASVWLITAMSLDRYLAVARPFVSQKLRTKAMARRV
LAGIWVLSFLLATPVLAYRTVVPWKTNMSLCFPRYPSEGHRAFHLIFEAVTGFLLPFLIVVASYSDIGRRLQARRAKALI
VYGSTTGNTEYTAETIARELADAGYEVDSRDAASVEAGGLFEGFDLVLLGCSTWGDDSIELQDDFIPLFDSLEETGAQGR
KVACFGCGDSSWEYFCGAVDAIEEKLKNLGAEIVQDGLRIDGDPRAARDDIVGWAHDVRGAIRRFRRSRRTGRLVVLIIL
TFAAFWLPYHVVNLAEAGRALAGQAAGLGLVGKRLSLARNVLIALAFLSSSVNPVLYAFAGGGLLRSAGVGFVAKLLEGT
GAEFLEVLFQ
;
_entity_poly.pdbx_strand_id   A
#
loop_
_chem_comp.id
_chem_comp.type
_chem_comp.name
_chem_comp.formula
1PE non-polymer 'PENTAETHYLENE GLYCOL' 'C10 H22 O6'
2PE non-polymer 'NONAETHYLENE GLYCOL' 'C18 H38 O10'
FMN non-polymer 'FLAVIN MONONUCLEOTIDE' 'C17 H21 N4 O9 P'
NA non-polymer 'SODIUM ION' 'Na 1'
OLA non-polymer 'OLEIC ACID' 'C18 H34 O2'
OLC non-polymer '(2R)-2,3-dihydroxypropyl (9Z)-octadec-9-enoate' 'C21 H40 O4'
P6G non-polymer 'HEXAETHYLENE GLYCOL' 'C12 H26 O7'
VRJ non-polymer N-(tert-butylsulfonyl)-4-fluoro-2-{(3S,4R)-4-hydroxy-3-[(pyridin-2-yl)methyl]-3,4-dihydro-2H-1-benzopyran-7-yl}benzamide 'C26 H27 F N2 O5 S'
#
# COMPACT_ATOMS: atom_id res chain seq x y z
N GLY A 36 -30.74 -13.90 17.46
CA GLY A 36 -31.00 -15.33 17.60
C GLY A 36 -30.19 -16.16 16.64
N VAL A 37 -30.34 -17.48 16.72
CA VAL A 37 -29.61 -18.37 15.83
C VAL A 37 -30.19 -18.31 14.42
N GLU A 38 -31.51 -18.22 14.30
CA GLU A 38 -32.13 -17.99 13.00
C GLU A 38 -31.95 -16.54 12.54
N PHE A 39 -31.82 -15.59 13.47
CA PHE A 39 -31.51 -14.23 13.08
C PHE A 39 -30.13 -14.14 12.45
N ILE A 40 -29.19 -14.96 12.93
CA ILE A 40 -27.89 -15.07 12.27
C ILE A 40 -28.06 -15.65 10.87
N SER A 41 -28.90 -16.68 10.74
CA SER A 41 -29.15 -17.28 9.42
C SER A 41 -29.83 -16.30 8.48
N LEU A 42 -30.61 -15.36 9.02
CA LEU A 42 -31.20 -14.32 8.19
C LEU A 42 -30.11 -13.46 7.54
N LEU A 43 -29.08 -13.11 8.30
CA LEU A 43 -27.93 -12.44 7.70
C LEU A 43 -27.25 -13.32 6.67
N ALA A 44 -27.27 -14.64 6.88
CA ALA A 44 -26.58 -15.54 5.95
C ALA A 44 -27.28 -15.59 4.60
N ILE A 45 -28.60 -15.72 4.60
CA ILE A 45 -29.32 -15.88 3.34
C ILE A 45 -29.22 -14.61 2.50
N ILE A 46 -29.24 -13.44 3.14
CA ILE A 46 -29.13 -12.20 2.38
C ILE A 46 -27.70 -12.01 1.88
N LEU A 47 -26.71 -12.33 2.70
CA LEU A 47 -25.31 -12.18 2.29
C LEU A 47 -24.99 -13.11 1.13
N LEU A 48 -25.45 -14.37 1.19
CA LEU A 48 -25.25 -15.27 0.07
C LEU A 48 -26.03 -14.79 -1.15
N SER A 49 -27.24 -14.26 -0.94
CA SER A 49 -28.04 -13.82 -2.07
C SER A 49 -27.47 -12.55 -2.69
N VAL A 50 -27.09 -11.57 -1.87
CA VAL A 50 -26.53 -10.34 -2.42
C VAL A 50 -25.20 -10.63 -3.10
N ALA A 51 -24.41 -11.55 -2.54
CA ALA A 51 -23.18 -11.94 -3.21
C ALA A 51 -23.47 -12.60 -4.54
N LEU A 52 -24.52 -13.44 -4.59
CA LEU A 52 -24.93 -14.04 -5.85
C LEU A 52 -25.37 -12.98 -6.86
N ALA A 53 -26.06 -11.94 -6.38
CA ALA A 53 -26.58 -10.91 -7.27
C ALA A 53 -25.48 -10.01 -7.80
N VAL A 54 -24.48 -9.69 -6.96
CA VAL A 54 -23.40 -8.83 -7.43
C VAL A 54 -22.26 -9.66 -8.00
N GLY A 55 -22.11 -10.91 -7.55
CA GLY A 55 -20.98 -11.71 -7.94
C GLY A 55 -21.12 -12.38 -9.28
N LEU A 56 -22.18 -13.17 -9.45
CA LEU A 56 -22.33 -13.94 -10.69
C LEU A 56 -22.42 -13.06 -11.93
N PRO A 57 -23.18 -11.96 -11.95
CA PRO A 57 -23.10 -11.07 -13.12
C PRO A 57 -21.72 -10.47 -13.31
N GLY A 58 -21.12 -9.97 -12.22
CA GLY A 58 -19.83 -9.32 -12.32
C GLY A 58 -18.69 -10.25 -12.70
N ASN A 59 -18.54 -11.36 -11.97
CA ASN A 59 -17.42 -12.25 -12.22
C ASN A 59 -17.50 -12.83 -13.62
N SER A 60 -18.71 -13.13 -14.10
CA SER A 60 -18.82 -13.74 -15.41
C SER A 60 -18.73 -12.70 -16.54
N PHE A 61 -19.13 -11.46 -16.27
CA PHE A 61 -18.86 -10.38 -17.22
C PHE A 61 -17.36 -10.22 -17.42
N VAL A 62 -16.57 -10.41 -16.36
CA VAL A 62 -15.12 -10.39 -16.49
C VAL A 62 -14.66 -11.54 -17.37
N VAL A 63 -15.19 -12.74 -17.12
CA VAL A 63 -14.75 -13.91 -17.87
C VAL A 63 -15.11 -13.79 -19.34
N TRP A 64 -16.32 -13.28 -19.65
CA TRP A 64 -16.72 -13.15 -21.04
C TRP A 64 -15.84 -12.13 -21.77
N SER A 65 -15.45 -11.05 -21.10
CA SER A 65 -14.66 -10.00 -21.73
C SER A 65 -13.19 -10.37 -21.87
N ILE A 66 -12.78 -11.52 -21.34
CA ILE A 66 -11.43 -12.04 -21.54
C ILE A 66 -11.43 -13.18 -22.56
N LEU A 67 -12.39 -14.10 -22.46
CA LEU A 67 -12.48 -15.19 -23.43
C LEU A 67 -12.97 -14.67 -24.77
N LYS A 68 -14.12 -13.99 -24.78
CA LYS A 68 -14.76 -13.63 -26.03
C LYS A 68 -14.22 -12.33 -26.61
N ARG A 69 -14.08 -11.29 -25.78
CA ARG A 69 -13.75 -9.97 -26.31
C ARG A 69 -12.25 -9.85 -26.62
N MET A 70 -11.40 -10.19 -25.65
CA MET A 70 -9.96 -10.06 -25.82
C MET A 70 -9.43 -11.26 -26.60
N GLN A 71 -9.01 -11.02 -27.86
CA GLN A 71 -8.40 -12.09 -28.64
C GLN A 71 -7.02 -12.44 -28.11
N LYS A 72 -6.36 -11.50 -27.45
CA LYS A 72 -5.03 -11.70 -26.87
C LYS A 72 -5.16 -11.74 -25.36
N ARG A 73 -4.86 -12.89 -24.76
CA ARG A 73 -4.93 -13.06 -23.31
C ARG A 73 -3.54 -12.76 -22.74
N SER A 74 -3.38 -11.57 -22.16
CA SER A 74 -2.11 -11.17 -21.58
C SER A 74 -1.89 -11.84 -20.22
N VAL A 75 -0.69 -11.65 -19.68
CA VAL A 75 -0.37 -12.26 -18.39
C VAL A 75 -1.29 -11.74 -17.30
N THR A 76 -1.55 -10.44 -17.31
CA THR A 76 -2.46 -9.88 -16.31
C THR A 76 -3.88 -10.38 -16.52
N ALA A 77 -4.33 -10.46 -17.77
CA ALA A 77 -5.68 -10.94 -18.06
C ALA A 77 -5.84 -12.40 -17.66
N LEU A 78 -4.81 -13.22 -17.88
CA LEU A 78 -4.86 -14.60 -17.43
C LEU A 78 -5.04 -14.69 -15.93
N MET A 79 -4.39 -13.80 -15.19
CA MET A 79 -4.55 -13.79 -13.74
C MET A 79 -5.94 -13.33 -13.33
N VAL A 80 -6.46 -12.30 -14.00
CA VAL A 80 -7.81 -11.81 -13.71
C VAL A 80 -8.85 -12.87 -14.04
N LEU A 81 -8.62 -13.61 -15.12
CA LEU A 81 -9.57 -14.65 -15.52
C LEU A 81 -9.67 -15.73 -14.45
N ASN A 82 -8.52 -16.25 -14.00
CA ASN A 82 -8.53 -17.33 -13.02
C ASN A 82 -9.09 -16.88 -11.68
N LEU A 83 -8.74 -15.66 -11.25
CA LEU A 83 -9.35 -15.11 -10.04
C LEU A 83 -10.86 -14.98 -10.17
N ALA A 84 -11.34 -14.68 -11.38
CA ALA A 84 -12.78 -14.64 -11.60
C ALA A 84 -13.36 -16.05 -11.66
N LEU A 85 -12.63 -16.99 -12.27
CA LEU A 85 -13.11 -18.37 -12.33
C LEU A 85 -13.22 -18.97 -10.94
N ALA A 86 -12.26 -18.68 -10.06
CA ALA A 86 -12.34 -19.15 -8.68
C ALA A 86 -13.55 -18.55 -7.97
N ASP A 87 -13.72 -17.24 -8.08
CA ASP A 87 -14.84 -16.58 -7.44
C ASP A 87 -16.18 -17.04 -8.04
N LEU A 88 -16.20 -17.39 -9.34
CA LEU A 88 -17.45 -17.80 -9.95
C LEU A 88 -17.88 -19.19 -9.50
N ALA A 89 -16.92 -20.08 -9.23
CA ALA A 89 -17.24 -21.44 -8.86
C ALA A 89 -17.88 -21.52 -7.48
N VAL A 90 -17.37 -20.74 -6.53
CA VAL A 90 -17.95 -20.77 -5.18
C VAL A 90 -19.34 -20.16 -5.19
N LEU A 91 -19.59 -19.19 -6.09
CA LEU A 91 -20.92 -18.61 -6.18
C LEU A 91 -21.92 -19.57 -6.81
N LEU A 92 -21.45 -20.49 -7.66
CA LEU A 92 -22.34 -21.48 -8.27
C LEU A 92 -22.81 -22.53 -7.27
N THR A 93 -22.32 -22.51 -6.03
CA THR A 93 -22.79 -23.42 -5.01
C THR A 93 -23.63 -22.75 -3.94
N ALA A 94 -23.52 -21.42 -3.81
CA ALA A 94 -24.38 -20.69 -2.89
C ALA A 94 -25.87 -20.97 -3.07
N PRO A 95 -26.41 -21.12 -4.30
CA PRO A 95 -27.82 -21.52 -4.43
C PRO A 95 -28.15 -22.82 -3.70
N PHE A 96 -27.23 -23.77 -3.68
CA PHE A 96 -27.47 -25.01 -2.93
C PHE A 96 -27.50 -24.74 -1.43
N PHE A 97 -26.65 -23.84 -0.95
CA PHE A 97 -26.66 -23.47 0.45
C PHE A 97 -27.78 -22.50 0.81
N LEU A 98 -28.45 -21.93 -0.18
CA LEU A 98 -29.67 -21.18 0.08
C LEU A 98 -30.85 -22.12 0.30
N HIS A 99 -30.97 -23.15 -0.55
CA HIS A 99 -32.00 -24.17 -0.35
C HIS A 99 -31.87 -24.84 1.00
N PHE A 100 -30.63 -25.05 1.45
CA PHE A 100 -30.41 -25.62 2.79
C PHE A 100 -30.91 -24.67 3.87
N LEU A 101 -30.52 -23.39 3.79
CA LEU A 101 -31.01 -22.42 4.76
C LEU A 101 -32.52 -22.26 4.68
N ALA A 102 -33.11 -22.43 3.50
CA ALA A 102 -34.54 -22.19 3.35
C ALA A 102 -35.36 -23.35 3.91
N GLN A 103 -35.21 -24.54 3.32
CA GLN A 103 -35.94 -25.71 3.78
C GLN A 103 -35.48 -26.22 5.14
N GLY A 104 -34.26 -25.88 5.56
CA GLY A 104 -33.73 -26.40 6.81
C GLY A 104 -33.12 -27.78 6.74
N THR A 105 -32.96 -28.34 5.54
CA THR A 105 -32.44 -29.69 5.38
C THR A 105 -31.71 -29.80 4.05
N TRP A 106 -30.79 -30.77 3.98
CA TRP A 106 -30.01 -31.02 2.78
C TRP A 106 -30.69 -32.08 1.93
N SER A 107 -30.91 -31.78 0.65
CA SER A 107 -31.66 -32.66 -0.23
C SER A 107 -30.89 -33.07 -1.47
N PHE A 108 -29.56 -32.93 -1.45
CA PHE A 108 -28.74 -33.21 -2.62
C PHE A 108 -27.83 -34.41 -2.43
N GLY A 109 -27.92 -35.10 -1.29
CA GLY A 109 -27.20 -36.34 -1.09
C GLY A 109 -25.79 -36.15 -0.55
N LEU A 110 -25.15 -37.29 -0.29
CA LEU A 110 -23.78 -37.28 0.21
C LEU A 110 -22.82 -36.66 -0.80
N ALA A 111 -22.93 -37.08 -2.06
CA ALA A 111 -22.05 -36.55 -3.10
C ALA A 111 -22.24 -35.05 -3.29
N GLY A 112 -23.46 -34.55 -3.13
CA GLY A 112 -23.68 -33.12 -3.24
C GLY A 112 -23.04 -32.35 -2.11
N CYS A 113 -23.28 -32.79 -0.87
CA CYS A 113 -22.63 -32.16 0.28
C CYS A 113 -21.11 -32.31 0.22
N ARG A 114 -20.62 -33.39 -0.38
CA ARG A 114 -19.18 -33.53 -0.58
C ARG A 114 -18.68 -32.50 -1.60
N LEU A 115 -19.27 -32.51 -2.80
CA LEU A 115 -18.74 -31.71 -3.90
C LEU A 115 -18.86 -30.22 -3.62
N CYS A 116 -20.01 -29.79 -3.09
CA CYS A 116 -20.27 -28.37 -2.91
C CYS A 116 -19.27 -27.74 -1.94
N HIS A 117 -18.87 -28.48 -0.91
CA HIS A 117 -17.84 -27.99 0.01
C HIS A 117 -16.45 -28.14 -0.55
N TYR A 118 -16.22 -29.02 -1.52
CA TYR A 118 -14.89 -29.20 -2.09
C TYR A 118 -14.56 -28.10 -3.08
N VAL A 119 -15.54 -27.66 -3.87
CA VAL A 119 -15.30 -26.56 -4.79
C VAL A 119 -15.24 -25.22 -4.06
N CYS A 120 -15.80 -25.14 -2.85
CA CYS A 120 -15.59 -23.96 -2.03
C CYS A 120 -14.17 -23.91 -1.49
N GLY A 121 -13.66 -25.05 -1.02
CA GLY A 121 -12.32 -25.07 -0.46
C GLY A 121 -11.24 -24.75 -1.48
N VAL A 122 -11.36 -25.29 -2.69
CA VAL A 122 -10.38 -24.99 -3.72
C VAL A 122 -10.48 -23.53 -4.15
N SER A 123 -11.67 -22.93 -4.06
CA SER A 123 -11.81 -21.52 -4.37
C SER A 123 -11.05 -20.65 -3.36
N MET A 124 -11.01 -21.09 -2.10
CA MET A 124 -10.24 -20.39 -1.09
C MET A 124 -8.74 -20.49 -1.38
N TYR A 125 -8.22 -21.72 -1.45
CA TYR A 125 -6.78 -21.90 -1.65
C TYR A 125 -6.30 -21.30 -2.95
N ALA A 126 -7.13 -21.31 -4.00
CA ALA A 126 -6.71 -20.71 -5.26
C ALA A 126 -6.64 -19.19 -5.14
N SER A 127 -7.72 -18.57 -4.65
CA SER A 127 -7.75 -17.11 -4.57
C SER A 127 -6.64 -16.57 -3.69
N VAL A 128 -6.29 -17.27 -2.62
CA VAL A 128 -5.26 -16.76 -1.73
C VAL A 128 -3.87 -16.94 -2.33
N TRP A 129 -3.66 -17.97 -3.13
CA TRP A 129 -2.36 -18.13 -3.76
C TRP A 129 -2.25 -17.36 -5.08
N LEU A 130 -3.38 -17.06 -5.72
CA LEU A 130 -3.31 -16.23 -6.91
C LEU A 130 -2.98 -14.79 -6.56
N ILE A 131 -3.57 -14.27 -5.47
CA ILE A 131 -3.20 -12.93 -5.03
C ILE A 131 -1.80 -12.92 -4.48
N THR A 132 -1.35 -14.04 -3.89
CA THR A 132 0.05 -14.16 -3.52
C THR A 132 0.94 -14.10 -4.77
N ALA A 133 0.47 -14.65 -5.89
CA ALA A 133 1.23 -14.56 -7.12
C ALA A 133 1.33 -13.13 -7.61
N MET A 134 0.21 -12.40 -7.60
CA MET A 134 0.23 -11.00 -8.03
C MET A 134 1.21 -10.18 -7.20
N SER A 135 1.27 -10.45 -5.89
CA SER A 135 2.20 -9.71 -5.05
C SER A 135 3.64 -10.13 -5.31
N LEU A 136 3.87 -11.40 -5.64
CA LEU A 136 5.22 -11.84 -5.95
C LEU A 136 5.67 -11.35 -7.32
N ASP A 137 4.75 -11.23 -8.26
CA ASP A 137 5.10 -10.64 -9.55
C ASP A 137 5.48 -9.16 -9.42
N ARG A 138 4.87 -8.45 -8.47
CA ARG A 138 5.17 -7.04 -8.30
C ARG A 138 6.51 -6.83 -7.60
N TYR A 139 6.81 -7.62 -6.57
CA TYR A 139 8.10 -7.54 -5.93
C TYR A 139 9.22 -7.85 -6.93
N LEU A 140 9.03 -8.87 -7.77
CA LEU A 140 10.03 -9.21 -8.77
C LEU A 140 10.21 -8.08 -9.78
N ALA A 141 9.12 -7.39 -10.11
CA ALA A 141 9.20 -6.31 -11.10
C ALA A 141 10.04 -5.14 -10.60
N VAL A 142 10.06 -4.90 -9.29
CA VAL A 142 10.78 -3.75 -8.75
C VAL A 142 12.16 -4.17 -8.26
N ALA A 143 12.28 -5.42 -7.78
CA ALA A 143 13.55 -5.88 -7.24
C ALA A 143 14.51 -6.30 -8.34
N ARG A 144 14.06 -7.13 -9.28
CA ARG A 144 14.86 -7.58 -10.40
C ARG A 144 14.09 -7.35 -11.69
N PRO A 145 14.15 -6.14 -12.24
CA PRO A 145 13.35 -5.85 -13.45
C PRO A 145 13.74 -6.68 -14.65
N PHE A 146 15.02 -7.03 -14.81
CA PHE A 146 15.42 -7.85 -15.94
C PHE A 146 14.91 -9.27 -15.81
N VAL A 147 14.79 -9.77 -14.59
CA VAL A 147 14.27 -11.12 -14.37
C VAL A 147 12.76 -11.15 -14.56
N SER A 148 12.07 -10.09 -14.13
CA SER A 148 10.63 -10.01 -14.39
C SER A 148 10.35 -9.97 -15.88
N GLN A 149 11.07 -9.13 -16.61
CA GLN A 149 10.92 -9.08 -18.06
C GLN A 149 11.21 -10.44 -18.69
N LYS A 150 12.08 -11.24 -18.07
CA LYS A 150 12.46 -12.53 -18.63
C LYS A 150 11.43 -13.62 -18.33
N LEU A 151 10.83 -13.59 -17.15
CA LEU A 151 9.93 -14.66 -16.70
C LEU A 151 8.45 -14.30 -16.76
N ARG A 152 8.09 -13.06 -17.05
CA ARG A 152 6.69 -12.67 -17.13
C ARG A 152 6.18 -12.90 -18.55
N THR A 153 6.05 -14.17 -18.89
CA THR A 153 5.53 -14.61 -20.18
C THR A 153 4.19 -15.30 -19.98
N LYS A 154 3.45 -15.45 -21.08
CA LYS A 154 2.18 -16.17 -21.01
C LYS A 154 2.40 -17.65 -20.71
N ALA A 155 3.57 -18.18 -21.07
CA ALA A 155 3.89 -19.58 -20.77
C ALA A 155 4.13 -19.77 -19.28
N MET A 156 5.02 -18.97 -18.70
CA MET A 156 5.24 -19.01 -17.26
C MET A 156 3.93 -18.77 -16.50
N ALA A 157 3.09 -17.90 -17.03
CA ALA A 157 1.78 -17.67 -16.42
C ALA A 157 0.97 -18.96 -16.40
N ARG A 158 0.77 -19.57 -17.57
CA ARG A 158 -0.01 -20.80 -17.65
C ARG A 158 0.58 -21.91 -16.80
N ARG A 159 1.89 -21.89 -16.57
CA ARG A 159 2.50 -22.89 -15.71
C ARG A 159 2.17 -22.64 -14.26
N VAL A 160 2.35 -21.40 -13.78
CA VAL A 160 2.06 -21.12 -12.38
C VAL A 160 0.56 -21.16 -12.12
N LEU A 161 -0.24 -20.70 -13.09
CA LEU A 161 -1.70 -20.74 -12.93
C LEU A 161 -2.19 -22.17 -12.80
N ALA A 162 -1.81 -23.04 -13.75
CA ALA A 162 -2.12 -24.45 -13.62
C ALA A 162 -1.45 -25.05 -12.39
N GLY A 163 -0.26 -24.56 -12.02
CA GLY A 163 0.38 -25.05 -10.81
C GLY A 163 -0.39 -24.67 -9.56
N ILE A 164 -0.89 -23.44 -9.50
CA ILE A 164 -1.71 -23.03 -8.36
C ILE A 164 -3.00 -23.82 -8.32
N TRP A 165 -3.56 -24.14 -9.48
CA TRP A 165 -4.81 -24.91 -9.52
C TRP A 165 -4.59 -26.34 -9.01
N VAL A 166 -3.54 -27.00 -9.49
CA VAL A 166 -3.24 -28.34 -9.01
C VAL A 166 -2.91 -28.32 -7.53
N LEU A 167 -2.15 -27.31 -7.08
CA LEU A 167 -1.82 -27.18 -5.67
C LEU A 167 -3.08 -26.95 -4.83
N SER A 168 -4.06 -26.22 -5.38
CA SER A 168 -5.28 -25.95 -4.61
C SER A 168 -6.13 -27.19 -4.46
N PHE A 169 -6.30 -27.96 -5.55
CA PHE A 169 -7.17 -29.13 -5.51
C PHE A 169 -6.72 -30.12 -4.45
N LEU A 170 -5.41 -30.40 -4.39
CA LEU A 170 -4.93 -31.39 -3.44
C LEU A 170 -4.78 -30.84 -2.02
N LEU A 171 -4.96 -29.54 -1.80
CA LEU A 171 -4.96 -28.99 -0.46
C LEU A 171 -6.36 -28.96 0.16
N ALA A 172 -7.41 -29.09 -0.65
CA ALA A 172 -8.78 -29.11 -0.15
C ALA A 172 -9.39 -30.50 -0.10
N THR A 173 -8.67 -31.53 -0.54
CA THR A 173 -9.18 -32.89 -0.44
C THR A 173 -9.62 -33.30 0.96
N PRO A 174 -9.00 -32.82 2.09
CA PRO A 174 -9.50 -33.25 3.40
C PRO A 174 -10.97 -32.98 3.62
N VAL A 175 -11.58 -32.05 2.87
CA VAL A 175 -12.99 -31.78 3.08
C VAL A 175 -13.86 -32.88 2.48
N LEU A 176 -13.39 -33.54 1.42
CA LEU A 176 -14.18 -34.60 0.79
C LEU A 176 -14.38 -35.80 1.70
N ALA A 177 -13.65 -35.90 2.80
CA ALA A 177 -13.79 -36.99 3.73
C ALA A 177 -14.37 -36.58 5.08
N TYR A 178 -14.22 -35.30 5.46
CA TYR A 178 -14.72 -34.81 6.73
C TYR A 178 -16.16 -34.29 6.66
N ARG A 179 -16.74 -34.20 5.47
CA ARG A 179 -18.11 -33.77 5.32
C ARG A 179 -19.01 -34.98 5.14
N THR A 180 -20.23 -34.88 5.66
CA THR A 180 -21.19 -35.97 5.60
C THR A 180 -22.56 -35.43 5.92
N VAL A 181 -23.59 -36.09 5.37
CA VAL A 181 -24.97 -35.76 5.66
C VAL A 181 -25.45 -36.70 6.76
N VAL A 182 -25.75 -36.15 7.93
CA VAL A 182 -26.22 -36.93 9.07
C VAL A 182 -27.61 -36.45 9.45
N PRO A 183 -28.62 -37.31 9.46
CA PRO A 183 -29.95 -36.88 9.91
C PRO A 183 -29.94 -36.55 11.40
N TRP A 184 -30.51 -35.38 11.72
CA TRP A 184 -30.64 -34.92 13.10
C TRP A 184 -31.95 -34.16 13.21
N LYS A 185 -32.79 -34.58 14.16
CA LYS A 185 -34.19 -34.12 14.32
C LYS A 185 -35.07 -34.62 13.18
N THR A 186 -36.38 -34.43 13.29
CA THR A 186 -37.30 -35.04 12.35
C THR A 186 -37.20 -34.37 10.99
N ASN A 187 -37.09 -35.20 9.94
CA ASN A 187 -36.98 -34.76 8.55
C ASN A 187 -36.02 -33.59 8.38
N MET A 188 -34.89 -33.65 9.08
CA MET A 188 -33.90 -32.59 9.06
C MET A 188 -32.53 -33.23 8.94
N SER A 189 -31.85 -32.96 7.82
CA SER A 189 -30.53 -33.50 7.55
C SER A 189 -29.54 -32.35 7.42
N LEU A 190 -28.34 -32.54 7.96
CA LEU A 190 -27.33 -31.50 8.03
C LEU A 190 -26.09 -31.90 7.26
N CYS A 191 -25.66 -31.04 6.34
CA CYS A 191 -24.34 -31.15 5.72
C CYS A 191 -23.33 -30.57 6.70
N PHE A 192 -22.96 -31.39 7.69
CA PHE A 192 -22.15 -31.06 8.84
C PHE A 192 -20.76 -31.67 8.71
N PRO A 193 -19.72 -31.00 9.22
CA PRO A 193 -18.37 -31.58 9.20
C PRO A 193 -18.19 -32.56 10.37
N ARG A 194 -18.13 -33.85 10.04
CA ARG A 194 -17.89 -34.88 11.02
C ARG A 194 -16.45 -35.37 10.89
N TYR A 195 -15.69 -35.21 11.95
CA TYR A 195 -14.31 -35.63 12.04
C TYR A 195 -14.18 -36.90 12.88
N PRO A 196 -13.12 -37.68 12.67
CA PRO A 196 -12.91 -38.85 13.52
C PRO A 196 -12.61 -38.50 14.97
N SER A 197 -12.01 -37.34 15.23
CA SER A 197 -11.67 -36.92 16.58
C SER A 197 -11.44 -35.42 16.57
N GLU A 198 -11.36 -34.85 17.77
CA GLU A 198 -11.08 -33.42 17.88
C GLU A 198 -9.65 -33.10 17.46
N GLY A 199 -8.74 -34.08 17.55
CA GLY A 199 -7.41 -33.89 17.01
C GLY A 199 -7.42 -33.70 15.51
N HIS A 200 -8.25 -34.48 14.80
CA HIS A 200 -8.42 -34.28 13.37
C HIS A 200 -9.08 -32.94 13.06
N ARG A 201 -10.03 -32.52 13.90
CA ARG A 201 -10.68 -31.22 13.69
CA ARG A 201 -10.68 -31.22 13.69
C ARG A 201 -9.69 -30.08 13.92
N ALA A 202 -8.81 -30.23 14.90
CA ALA A 202 -7.81 -29.19 15.15
C ALA A 202 -6.78 -29.13 14.03
N PHE A 203 -6.33 -30.30 13.56
CA PHE A 203 -5.36 -30.32 12.46
C PHE A 203 -5.94 -29.67 11.22
N HIS A 204 -7.17 -30.03 10.86
CA HIS A 204 -7.79 -29.47 9.67
C HIS A 204 -7.88 -27.95 9.77
N LEU A 205 -8.29 -27.43 10.93
CA LEU A 205 -8.49 -25.99 11.05
C LEU A 205 -7.18 -25.22 11.04
N ILE A 206 -6.13 -25.75 11.69
CA ILE A 206 -4.85 -25.07 11.65
C ILE A 206 -4.19 -25.27 10.30
N PHE A 207 -4.43 -26.41 9.66
CA PHE A 207 -3.92 -26.61 8.30
C PHE A 207 -4.62 -25.66 7.34
N GLU A 208 -5.94 -25.55 7.45
CA GLU A 208 -6.68 -24.58 6.65
C GLU A 208 -6.20 -23.16 6.92
N ALA A 209 -5.94 -22.83 8.19
CA ALA A 209 -5.48 -21.48 8.51
C ALA A 209 -4.09 -21.20 7.95
N VAL A 210 -3.17 -22.14 8.09
CA VAL A 210 -1.78 -21.91 7.69
C VAL A 210 -1.62 -21.95 6.17
N THR A 211 -2.04 -23.06 5.56
CA THR A 211 -1.85 -23.20 4.12
C THR A 211 -2.82 -22.33 3.34
N GLY A 212 -3.98 -22.02 3.92
CA GLY A 212 -4.96 -21.22 3.23
C GLY A 212 -4.96 -19.75 3.54
N PHE A 213 -4.07 -19.28 4.42
CA PHE A 213 -4.00 -17.85 4.69
C PHE A 213 -2.65 -17.43 5.26
N LEU A 214 -2.29 -17.96 6.43
CA LEU A 214 -1.09 -17.49 7.12
C LEU A 214 0.14 -17.58 6.24
N LEU A 215 0.45 -18.78 5.75
CA LEU A 215 1.63 -18.93 4.90
C LEU A 215 1.56 -18.10 3.63
N PRO A 216 0.48 -18.13 2.84
CA PRO A 216 0.46 -17.27 1.64
C PRO A 216 0.48 -15.78 1.95
N PHE A 217 -0.26 -15.33 2.95
CA PHE A 217 -0.28 -13.90 3.27
C PHE A 217 0.99 -13.45 3.96
N LEU A 218 1.72 -14.36 4.61
CA LEU A 218 3.03 -13.99 5.12
C LEU A 218 3.98 -13.66 3.97
N ILE A 219 3.82 -14.36 2.84
CA ILE A 219 4.60 -14.03 1.65
C ILE A 219 4.14 -12.69 1.07
N VAL A 220 2.86 -12.37 1.21
CA VAL A 220 2.34 -11.13 0.63
C VAL A 220 2.83 -9.92 1.43
N VAL A 221 2.73 -9.97 2.76
CA VAL A 221 3.12 -8.82 3.57
C VAL A 221 4.62 -8.57 3.44
N ALA A 222 5.42 -9.63 3.35
CA ALA A 222 6.85 -9.46 3.18
C ALA A 222 7.16 -8.79 1.85
N SER A 223 6.42 -9.15 0.79
CA SER A 223 6.63 -8.53 -0.51
C SER A 223 6.31 -7.04 -0.45
N TYR A 224 5.12 -6.69 0.01
CA TYR A 224 4.72 -5.29 0.00
C TYR A 224 5.44 -4.45 1.04
N SER A 225 5.97 -5.07 2.10
CA SER A 225 6.79 -4.31 3.04
C SER A 225 8.10 -3.90 2.39
N ASP A 226 8.71 -4.79 1.62
CA ASP A 226 9.95 -4.47 0.93
C ASP A 226 9.69 -3.47 -0.19
N ILE A 227 8.55 -3.60 -0.88
CA ILE A 227 8.20 -2.63 -1.92
C ILE A 227 8.03 -1.24 -1.31
N GLY A 228 7.39 -1.16 -0.14
CA GLY A 228 7.22 0.10 0.55
C GLY A 228 8.45 0.59 1.29
N ARG A 229 9.33 -0.32 1.68
CA ARG A 229 10.58 0.05 2.32
C ARG A 229 11.60 0.60 1.32
N ARG A 230 11.36 0.43 0.02
CA ARG A 230 12.21 1.02 -1.00
C ARG A 230 11.78 2.44 -1.33
N LEU A 231 10.48 2.66 -1.53
CA LEU A 231 9.96 3.98 -1.85
C LEU A 231 10.06 4.94 -0.68
N GLN A 232 10.16 4.43 0.55
CA GLN A 232 10.20 5.30 1.72
C GLN A 232 11.42 6.21 1.65
N ALA A 233 11.36 7.31 2.40
CA ALA A 233 12.46 8.25 2.47
C ALA A 233 12.31 9.06 3.75
N ARG A 234 13.41 9.19 4.49
CA ARG A 234 13.41 10.02 5.69
C ARG A 234 13.05 11.46 5.32
N ARG A 235 12.40 12.14 6.25
CA ARG A 235 12.06 13.56 6.04
C ARG A 235 13.34 14.39 5.97
N ALA A 236 13.34 15.36 5.06
CA ALA A 236 14.54 16.17 4.84
C ALA A 236 14.76 17.15 5.99
N LYS A 237 16.03 17.39 6.32
CA LYS A 237 16.41 18.29 7.40
C LYS A 237 17.21 19.47 6.83
N ALA A 238 16.81 20.67 7.21
CA ALA A 238 17.46 21.89 6.75
C ALA A 238 17.81 22.78 7.94
N LEU A 239 18.91 23.50 7.80
CA LEU A 239 19.42 24.39 8.84
C LEU A 239 19.46 25.81 8.29
N ILE A 240 18.94 26.76 9.05
CA ILE A 240 18.92 28.16 8.67
C ILE A 240 19.56 28.94 9.81
N VAL A 241 20.84 29.29 9.65
CA VAL A 241 21.55 30.14 10.60
C VAL A 241 21.59 31.54 10.02
N TYR A 242 21.05 32.51 10.76
CA TYR A 242 20.96 33.89 10.31
C TYR A 242 21.70 34.81 11.26
N GLY A 243 22.21 35.91 10.72
CA GLY A 243 22.79 36.97 11.52
C GLY A 243 22.14 38.31 11.22
N SER A 244 21.24 38.76 12.09
CA SER A 244 20.49 39.98 11.84
C SER A 244 20.65 40.94 13.01
N THR A 245 20.83 42.22 12.68
CA THR A 245 20.90 43.30 13.66
C THR A 245 19.61 44.09 13.73
N THR A 246 18.98 44.36 12.59
CA THR A 246 17.72 45.10 12.54
C THR A 246 16.51 44.22 12.30
N GLY A 247 16.69 42.92 12.07
CA GLY A 247 15.57 42.02 11.89
C GLY A 247 15.15 41.77 10.46
N ASN A 248 15.82 42.37 9.47
CA ASN A 248 15.47 42.12 8.08
C ASN A 248 15.87 40.72 7.65
N THR A 249 17.13 40.34 7.91
CA THR A 249 17.58 38.98 7.61
C THR A 249 16.81 37.95 8.44
N GLU A 250 16.44 38.30 9.67
CA GLU A 250 15.63 37.38 10.47
C GLU A 250 14.27 37.15 9.84
N TYR A 251 13.71 38.16 9.17
CA TYR A 251 12.44 37.96 8.46
C TYR A 251 12.62 37.01 7.27
N THR A 252 13.68 37.21 6.49
CA THR A 252 13.92 36.33 5.34
C THR A 252 14.21 34.90 5.78
N ALA A 253 14.93 34.74 6.90
CA ALA A 253 15.19 33.40 7.41
C ALA A 253 13.90 32.71 7.83
N GLU A 254 12.99 33.46 8.47
CA GLU A 254 11.75 32.86 8.94
C GLU A 254 10.78 32.59 7.80
N THR A 255 10.86 33.35 6.71
CA THR A 255 9.98 33.09 5.57
C THR A 255 10.44 31.89 4.76
N ILE A 256 11.75 31.74 4.56
CA ILE A 256 12.24 30.54 3.89
C ILE A 256 12.14 29.33 4.82
N ALA A 257 12.12 29.54 6.13
CA ALA A 257 11.86 28.44 7.04
C ALA A 257 10.41 27.97 6.93
N ARG A 258 9.48 28.90 6.74
CA ARG A 258 8.08 28.51 6.53
C ARG A 258 7.88 27.91 5.14
N GLU A 259 8.60 28.42 4.13
CA GLU A 259 8.48 27.84 2.79
C GLU A 259 8.97 26.40 2.76
N LEU A 260 10.13 26.15 3.37
CA LEU A 260 10.67 24.79 3.39
C LEU A 260 9.76 23.85 4.18
N ALA A 261 9.30 24.31 5.35
CA ALA A 261 8.53 23.44 6.24
C ALA A 261 7.23 23.00 5.60
N ASP A 262 6.57 23.90 4.85
CA ASP A 262 5.33 23.55 4.17
C ASP A 262 5.56 22.50 3.08
N ALA A 263 6.81 22.32 2.63
CA ALA A 263 7.14 21.32 1.64
C ALA A 263 7.71 20.05 2.25
N GLY A 264 7.43 19.80 3.53
CA GLY A 264 7.85 18.58 4.17
C GLY A 264 9.28 18.56 4.63
N TYR A 265 9.79 19.68 5.13
CA TYR A 265 11.13 19.76 5.69
C TYR A 265 11.05 19.87 7.20
N GLU A 266 12.17 19.53 7.85
CA GLU A 266 12.36 19.72 9.28
C GLU A 266 13.37 20.85 9.42
N VAL A 267 12.87 22.07 9.47
CA VAL A 267 13.71 23.26 9.46
C VAL A 267 14.20 23.54 10.88
N ASP A 268 15.45 24.01 10.97
CA ASP A 268 16.08 24.37 12.24
C ASP A 268 16.59 25.81 12.11
N SER A 269 15.83 26.76 12.64
CA SER A 269 16.16 28.20 12.54
C SER A 269 16.90 28.63 13.79
N ARG A 270 18.12 29.14 13.63
CA ARG A 270 18.98 29.53 14.74
C ARG A 270 19.61 30.88 14.47
N ASP A 271 19.67 31.72 15.50
CA ASP A 271 20.41 32.97 15.43
C ASP A 271 21.89 32.66 15.57
N ALA A 272 22.71 33.35 14.76
CA ALA A 272 24.14 33.07 14.75
C ALA A 272 24.83 33.38 16.06
N ALA A 273 24.16 34.06 17.00
CA ALA A 273 24.75 34.40 18.28
C ALA A 273 24.58 33.29 19.32
N SER A 274 23.89 32.20 18.96
CA SER A 274 23.63 31.10 19.87
C SER A 274 24.05 29.76 19.26
N VAL A 275 25.08 29.77 18.43
CA VAL A 275 25.53 28.57 17.73
C VAL A 275 27.04 28.42 17.91
N GLU A 276 27.48 27.16 17.97
CA GLU A 276 28.89 26.82 18.01
C GLU A 276 29.28 26.17 16.68
N ALA A 277 30.44 26.58 16.15
CA ALA A 277 30.85 26.12 14.83
C ALA A 277 31.12 24.61 14.79
N GLY A 278 31.63 24.06 15.89
CA GLY A 278 31.95 22.64 15.97
C GLY A 278 30.80 21.70 15.69
N GLY A 279 30.91 20.93 14.59
CA GLY A 279 29.85 20.03 14.16
C GLY A 279 28.49 20.66 13.99
N LEU A 280 28.45 21.93 13.55
CA LEU A 280 27.17 22.63 13.45
C LEU A 280 26.31 22.06 12.32
N PHE A 281 26.91 21.86 11.16
CA PHE A 281 26.18 21.39 9.98
C PHE A 281 25.94 19.89 10.00
N GLU A 282 26.64 19.15 10.85
CA GLU A 282 26.52 17.70 10.87
C GLU A 282 25.08 17.27 11.17
N GLY A 283 24.47 16.57 10.22
CA GLY A 283 23.13 16.04 10.37
C GLY A 283 22.11 16.66 9.44
N PHE A 284 22.45 17.75 8.75
CA PHE A 284 21.51 18.47 7.91
C PHE A 284 21.83 18.24 6.45
N ASP A 285 20.81 17.89 5.67
CA ASP A 285 21.01 17.69 4.24
C ASP A 285 21.24 19.01 3.52
N LEU A 286 20.58 20.08 3.99
CA LEU A 286 20.69 21.40 3.40
C LEU A 286 21.05 22.39 4.49
N VAL A 287 21.89 23.36 4.17
CA VAL A 287 22.27 24.42 5.10
C VAL A 287 22.10 25.76 4.39
N LEU A 288 21.36 26.67 5.03
CA LEU A 288 21.12 28.00 4.49
C LEU A 288 21.71 29.02 5.45
N LEU A 289 22.73 29.74 5.01
CA LEU A 289 23.38 30.77 5.82
C LEU A 289 22.93 32.14 5.36
N GLY A 290 22.44 32.95 6.29
CA GLY A 290 22.05 34.32 6.00
C GLY A 290 22.85 35.29 6.85
N CYS A 291 23.10 36.47 6.28
CA CYS A 291 23.89 37.49 6.96
C CYS A 291 23.83 38.77 6.16
N SER A 292 23.88 39.90 6.88
CA SER A 292 23.85 41.21 6.26
C SER A 292 25.24 41.83 6.28
N THR A 293 25.44 42.80 5.39
CA THR A 293 26.69 43.53 5.34
C THR A 293 26.59 44.78 6.20
N TRP A 294 27.69 45.12 6.86
CA TRP A 294 27.66 46.19 7.85
C TRP A 294 28.92 47.05 7.88
N GLY A 295 29.69 47.09 6.79
CA GLY A 295 30.93 47.83 6.79
C GLY A 295 30.71 49.32 6.69
N ASP A 296 31.48 50.07 7.48
CA ASP A 296 31.44 51.54 7.39
C ASP A 296 32.02 52.01 6.06
N ASP A 297 33.31 51.80 5.86
CA ASP A 297 33.97 52.00 4.57
C ASP A 297 34.45 50.66 4.01
N SER A 298 33.70 49.59 4.25
CA SER A 298 34.18 48.26 3.92
C SER A 298 32.98 47.35 3.75
N ILE A 299 33.26 46.07 3.52
CA ILE A 299 32.23 45.03 3.57
C ILE A 299 32.46 44.19 4.82
N GLU A 300 31.77 44.53 5.90
CA GLU A 300 31.89 43.80 7.15
C GLU A 300 30.65 42.93 7.38
N LEU A 301 30.84 41.88 8.16
CA LEU A 301 29.75 40.95 8.44
C LEU A 301 28.94 41.42 9.64
N GLN A 302 27.72 40.90 9.73
CA GLN A 302 26.88 41.17 10.88
C GLN A 302 27.56 40.69 12.15
N ASP A 303 27.31 41.41 13.26
CA ASP A 303 28.06 41.19 14.48
C ASP A 303 27.96 39.74 14.96
N ASP A 304 26.74 39.21 15.04
CA ASP A 304 26.56 37.85 15.56
C ASP A 304 27.14 36.80 14.62
N PHE A 305 27.23 37.11 13.32
CA PHE A 305 27.69 36.13 12.35
C PHE A 305 29.21 36.04 12.29
N ILE A 306 29.92 37.09 12.70
CA ILE A 306 31.39 37.08 12.59
C ILE A 306 32.04 35.89 13.27
N PRO A 307 31.72 35.55 14.53
CA PRO A 307 32.38 34.40 15.16
C PRO A 307 32.17 33.09 14.42
N LEU A 308 31.00 32.88 13.81
CA LEU A 308 30.78 31.68 13.03
C LEU A 308 31.66 31.67 11.78
N PHE A 309 31.72 32.80 11.07
CA PHE A 309 32.46 32.89 9.83
C PHE A 309 33.94 32.56 10.06
N ASP A 310 34.53 33.11 11.11
CA ASP A 310 35.95 32.90 11.38
C ASP A 310 36.26 31.44 11.68
N SER A 311 35.27 30.66 12.11
CA SER A 311 35.45 29.24 12.39
C SER A 311 34.52 28.38 11.52
N LEU A 312 34.26 28.83 10.29
CA LEU A 312 33.35 28.12 9.41
C LEU A 312 33.91 26.79 8.92
N GLU A 313 35.21 26.53 9.11
CA GLU A 313 35.76 25.25 8.68
C GLU A 313 35.34 24.11 9.61
N GLU A 314 35.18 24.39 10.91
CA GLU A 314 34.77 23.35 11.86
C GLU A 314 33.32 22.93 11.68
N THR A 315 32.55 23.62 10.84
CA THR A 315 31.14 23.30 10.65
C THR A 315 30.94 21.99 9.90
N GLY A 316 31.92 21.57 9.10
CA GLY A 316 31.72 20.41 8.26
C GLY A 316 31.05 20.70 6.95
N ALA A 317 31.35 21.85 6.34
CA ALA A 317 30.69 22.26 5.11
C ALA A 317 31.16 21.47 3.90
N GLN A 318 32.26 20.74 4.01
CA GLN A 318 32.81 20.03 2.86
C GLN A 318 31.80 19.04 2.31
N GLY A 319 31.51 19.16 1.02
CA GLY A 319 30.56 18.28 0.37
C GLY A 319 29.12 18.43 0.83
N ARG A 320 28.76 19.55 1.43
CA ARG A 320 27.41 19.76 1.93
C ARG A 320 26.65 20.74 1.05
N LYS A 321 25.36 20.49 0.87
CA LYS A 321 24.51 21.38 0.07
C LYS A 321 24.24 22.66 0.85
N VAL A 322 24.61 23.80 0.28
CA VAL A 322 24.47 25.09 0.94
C VAL A 322 23.97 26.13 -0.07
N ALA A 323 23.31 27.16 0.46
CA ALA A 323 22.88 28.30 -0.33
C ALA A 323 22.74 29.49 0.60
N CYS A 324 23.24 30.64 0.18
CA CYS A 324 23.32 31.79 1.07
C CYS A 324 22.26 32.82 0.73
N PHE A 325 21.92 33.62 1.74
CA PHE A 325 20.97 34.71 1.60
C PHE A 325 21.41 35.83 2.52
N GLY A 326 20.75 36.96 2.44
CA GLY A 326 21.10 38.09 3.27
C GLY A 326 20.59 39.38 2.68
N CYS A 327 20.49 40.39 3.54
CA CYS A 327 19.97 41.69 3.16
C CYS A 327 21.08 42.72 3.12
N GLY A 328 20.89 43.73 2.29
CA GLY A 328 21.82 44.82 2.15
C GLY A 328 21.09 46.03 1.64
N ASP A 329 21.80 46.87 0.90
CA ASP A 329 21.21 48.08 0.32
C ASP A 329 22.02 48.46 -0.90
N SER A 330 21.34 48.58 -2.05
CA SER A 330 22.02 48.86 -3.31
C SER A 330 22.80 50.18 -3.29
N SER A 331 22.47 51.08 -2.36
CA SER A 331 23.18 52.35 -2.29
C SER A 331 24.66 52.16 -1.99
N TRP A 332 25.02 51.10 -1.28
CA TRP A 332 26.40 50.84 -0.93
C TRP A 332 27.17 50.29 -2.12
N GLU A 333 28.50 50.46 -2.07
CA GLU A 333 29.32 50.14 -3.24
C GLU A 333 29.24 48.66 -3.59
N TYR A 334 29.16 47.79 -2.57
CA TYR A 334 29.15 46.33 -2.79
C TYR A 334 27.88 45.76 -2.17
N PHE A 335 26.86 45.57 -3.02
CA PHE A 335 25.56 45.11 -2.55
C PHE A 335 25.66 43.68 -2.02
N CYS A 336 25.32 43.52 -0.74
CA CYS A 336 25.36 42.23 -0.06
C CYS A 336 26.73 41.58 -0.20
N GLY A 337 27.78 42.37 0.03
CA GLY A 337 29.13 41.82 0.07
C GLY A 337 29.28 40.70 1.09
N ALA A 338 28.46 40.71 2.14
CA ALA A 338 28.50 39.61 3.11
C ALA A 338 28.11 38.29 2.46
N VAL A 339 27.06 38.30 1.64
CA VAL A 339 26.63 37.08 0.95
C VAL A 339 27.74 36.57 0.05
N ASP A 340 28.48 37.49 -0.59
CA ASP A 340 29.57 37.08 -1.47
C ASP A 340 30.70 36.44 -0.68
N ALA A 341 31.10 37.06 0.44
CA ALA A 341 32.20 36.53 1.24
C ALA A 341 31.86 35.17 1.84
N ILE A 342 30.62 35.00 2.29
CA ILE A 342 30.20 33.72 2.86
C ILE A 342 30.21 32.65 1.78
N GLU A 343 29.62 32.94 0.63
CA GLU A 343 29.62 31.99 -0.48
C GLU A 343 31.04 31.67 -0.94
N GLU A 344 31.94 32.64 -0.86
CA GLU A 344 33.32 32.37 -1.27
C GLU A 344 34.00 31.40 -0.30
N LYS A 345 33.76 31.55 1.01
CA LYS A 345 34.37 30.65 1.98
C LYS A 345 33.77 29.26 1.87
N LEU A 346 32.44 29.17 1.76
CA LEU A 346 31.79 27.86 1.62
C LEU A 346 32.30 27.13 0.39
N LYS A 347 32.48 27.84 -0.72
CA LYS A 347 33.06 27.23 -1.92
C LYS A 347 34.47 26.73 -1.64
N ASN A 348 35.29 27.56 -1.00
CA ASN A 348 36.67 27.18 -0.72
C ASN A 348 36.76 26.06 0.30
N LEU A 349 35.71 25.83 1.09
CA LEU A 349 35.67 24.73 2.04
C LEU A 349 35.06 23.47 1.46
N GLY A 350 34.79 23.44 0.15
CA GLY A 350 34.27 22.25 -0.49
C GLY A 350 32.77 22.09 -0.45
N ALA A 351 32.03 23.12 -0.05
CA ALA A 351 30.58 23.03 -0.01
C ALA A 351 29.99 23.14 -1.41
N GLU A 352 28.91 22.41 -1.64
CA GLU A 352 28.21 22.42 -2.92
C GLU A 352 27.16 23.52 -2.87
N ILE A 353 27.48 24.67 -3.47
CA ILE A 353 26.55 25.79 -3.53
C ILE A 353 25.47 25.45 -4.56
N VAL A 354 24.23 25.29 -4.09
CA VAL A 354 23.16 24.82 -4.97
C VAL A 354 22.40 25.95 -5.65
N GLN A 355 22.47 27.17 -5.12
CA GLN A 355 21.74 28.28 -5.69
C GLN A 355 22.53 29.56 -5.50
N ASP A 356 22.36 30.49 -6.43
CA ASP A 356 23.01 31.79 -6.28
C ASP A 356 22.40 32.53 -5.10
N GLY A 357 23.23 33.28 -4.40
CA GLY A 357 22.86 33.96 -3.17
C GLY A 357 21.63 34.84 -3.29
N LEU A 358 20.76 34.76 -2.29
CA LEU A 358 19.58 35.61 -2.25
C LEU A 358 19.98 36.95 -1.63
N ARG A 359 19.99 38.00 -2.44
CA ARG A 359 20.44 39.32 -2.01
C ARG A 359 19.26 40.27 -2.03
N ILE A 360 18.72 40.55 -0.85
CA ILE A 360 17.53 41.39 -0.70
C ILE A 360 17.97 42.85 -0.56
N ASP A 361 17.36 43.72 -1.35
CA ASP A 361 17.62 45.16 -1.29
C ASP A 361 16.51 45.83 -0.48
N GLY A 362 16.90 46.51 0.59
CA GLY A 362 15.92 47.25 1.35
C GLY A 362 15.03 46.35 2.19
N ASP A 363 13.79 46.81 2.38
CA ASP A 363 12.86 46.10 3.23
C ASP A 363 12.55 44.72 2.64
N PRO A 364 12.73 43.64 3.41
CA PRO A 364 12.52 42.30 2.83
C PRO A 364 11.06 41.99 2.55
N ARG A 365 10.15 42.35 3.47
CA ARG A 365 8.74 42.09 3.23
C ARG A 365 8.23 42.78 1.97
N ALA A 366 8.91 43.85 1.53
CA ALA A 366 8.58 44.47 0.25
C ALA A 366 8.86 43.55 -0.93
N ALA A 367 9.76 42.56 -0.76
CA ALA A 367 10.02 41.55 -1.78
C ALA A 367 9.91 40.16 -1.13
N ARG A 368 8.69 39.79 -0.74
CA ARG A 368 8.41 38.48 -0.15
C ARG A 368 8.30 37.36 -1.18
N ASP A 369 7.83 37.65 -2.39
CA ASP A 369 7.74 36.62 -3.41
C ASP A 369 9.12 36.17 -3.86
N ASP A 370 10.05 37.11 -4.00
CA ASP A 370 11.42 36.74 -4.38
C ASP A 370 12.05 35.84 -3.32
N ILE A 371 11.60 35.97 -2.07
CA ILE A 371 12.15 35.14 -1.00
C ILE A 371 11.60 33.72 -1.08
N VAL A 372 10.26 33.58 -0.93
CA VAL A 372 9.63 32.27 -0.99
C VAL A 372 9.75 31.62 -2.36
N GLY A 373 10.17 32.36 -3.39
CA GLY A 373 10.46 31.78 -4.68
C GLY A 373 11.88 31.28 -4.74
N TRP A 374 12.79 32.01 -4.09
CA TRP A 374 14.18 31.52 -3.99
C TRP A 374 14.24 30.23 -3.20
N ALA A 375 13.39 30.09 -2.17
CA ALA A 375 13.38 28.86 -1.38
C ALA A 375 12.82 27.69 -2.18
N HIS A 376 11.87 27.95 -3.09
CA HIS A 376 11.34 26.89 -3.93
C HIS A 376 12.41 26.32 -4.84
N ASP A 377 13.17 27.19 -5.51
CA ASP A 377 14.21 26.73 -6.42
C ASP A 377 15.33 26.02 -5.67
N VAL A 378 15.59 26.39 -4.42
CA VAL A 378 16.59 25.69 -3.63
C VAL A 378 16.15 24.26 -3.35
N ARG A 379 14.87 24.06 -3.01
CA ARG A 379 14.34 22.72 -2.82
C ARG A 379 14.50 21.89 -4.09
N GLY A 380 14.01 22.41 -5.22
CA GLY A 380 14.15 21.71 -6.48
C GLY A 380 15.59 21.47 -6.90
N ALA A 381 16.54 22.20 -6.30
CA ALA A 381 17.94 21.97 -6.61
C ALA A 381 18.51 20.79 -5.86
N ILE A 382 17.83 20.30 -4.81
CA ILE A 382 18.33 19.15 -4.06
C ILE A 382 17.26 18.08 -3.93
N ARG A 383 16.15 18.26 -4.66
CA ARG A 383 14.99 17.39 -4.52
C ARG A 383 15.33 15.96 -4.92
N ARG A 384 14.96 15.00 -4.08
CA ARG A 384 15.21 13.60 -4.39
C ARG A 384 14.42 13.19 -5.63
N PHE A 385 14.80 12.04 -6.20
CA PHE A 385 14.18 11.60 -7.44
C PHE A 385 12.69 11.36 -7.24
N ARG A 386 11.89 11.79 -8.21
CA ARG A 386 10.45 11.58 -8.15
C ARG A 386 10.14 10.09 -8.18
N ARG A 387 9.66 9.55 -7.06
CA ARG A 387 9.25 8.16 -6.99
C ARG A 387 8.20 7.86 -8.05
N SER A 388 8.11 6.59 -8.44
CA SER A 388 7.16 6.17 -9.45
C SER A 388 5.74 6.52 -9.01
N ARG A 389 5.02 7.22 -9.88
CA ARG A 389 3.63 7.55 -9.63
C ARG A 389 2.69 6.38 -9.94
N ARG A 390 3.20 5.24 -10.41
CA ARG A 390 2.36 4.07 -10.67
C ARG A 390 2.46 3.11 -9.48
N THR A 391 1.65 3.37 -8.47
CA THR A 391 1.52 2.50 -7.31
C THR A 391 0.32 1.59 -7.49
N GLY A 392 0.53 0.29 -7.28
CA GLY A 392 -0.54 -0.68 -7.48
C GLY A 392 -1.67 -0.56 -6.50
N ARG A 393 -2.54 0.44 -6.69
CA ARG A 393 -3.67 0.62 -5.78
C ARG A 393 -4.73 -0.47 -5.98
N LEU A 394 -4.84 -1.02 -7.19
CA LEU A 394 -5.88 -2.01 -7.44
C LEU A 394 -5.56 -3.33 -6.76
N VAL A 395 -4.31 -3.78 -6.84
CA VAL A 395 -3.95 -5.08 -6.26
C VAL A 395 -3.99 -5.01 -4.74
N VAL A 396 -3.53 -3.89 -4.16
CA VAL A 396 -3.63 -3.76 -2.70
C VAL A 396 -5.08 -3.65 -2.26
N LEU A 397 -5.97 -3.21 -3.15
CA LEU A 397 -7.40 -3.27 -2.82
C LEU A 397 -7.90 -4.71 -2.84
N ILE A 398 -7.49 -5.48 -3.86
CA ILE A 398 -7.88 -6.88 -3.95
C ILE A 398 -7.35 -7.66 -2.74
N ILE A 399 -6.11 -7.35 -2.34
CA ILE A 399 -5.51 -8.09 -1.24
C ILE A 399 -6.16 -7.69 0.09
N LEU A 400 -6.37 -6.39 0.30
CA LEU A 400 -6.95 -5.92 1.56
C LEU A 400 -8.37 -6.44 1.74
N THR A 401 -9.19 -6.36 0.69
CA THR A 401 -10.56 -6.86 0.79
C THR A 401 -10.59 -8.35 1.06
N PHE A 402 -9.77 -9.11 0.32
CA PHE A 402 -9.66 -10.54 0.60
C PHE A 402 -9.23 -10.77 2.04
N ALA A 403 -8.27 -9.97 2.53
CA ALA A 403 -7.85 -10.10 3.92
C ALA A 403 -8.96 -9.73 4.88
N ALA A 404 -9.81 -8.76 4.53
CA ALA A 404 -10.84 -8.32 5.45
C ALA A 404 -11.86 -9.43 5.72
N PHE A 405 -12.13 -10.27 4.73
CA PHE A 405 -13.12 -11.32 4.90
C PHE A 405 -12.53 -12.62 5.43
N TRP A 406 -11.27 -12.92 5.11
CA TRP A 406 -10.70 -14.23 5.42
C TRP A 406 -9.85 -14.23 6.67
N LEU A 407 -9.22 -13.12 7.03
CA LEU A 407 -8.49 -13.06 8.30
C LEU A 407 -9.40 -13.36 9.49
N PRO A 408 -10.59 -12.77 9.62
CA PRO A 408 -11.45 -13.14 10.75
C PRO A 408 -11.96 -14.57 10.66
N TYR A 409 -12.13 -15.11 9.46
CA TYR A 409 -12.60 -16.48 9.34
C TYR A 409 -11.54 -17.47 9.80
N HIS A 410 -10.27 -17.17 9.59
CA HIS A 410 -9.22 -18.11 9.94
C HIS A 410 -8.76 -17.98 11.39
N VAL A 411 -9.07 -16.88 12.06
CA VAL A 411 -8.71 -16.79 13.47
C VAL A 411 -9.74 -17.50 14.33
N VAL A 412 -11.02 -17.47 13.94
CA VAL A 412 -12.00 -18.27 14.66
C VAL A 412 -11.72 -19.75 14.42
N ASN A 413 -11.11 -20.09 13.28
CA ASN A 413 -10.61 -21.44 13.10
C ASN A 413 -9.51 -21.75 14.10
N LEU A 414 -8.54 -20.84 14.24
CA LEU A 414 -7.49 -21.02 15.23
C LEU A 414 -8.03 -20.98 16.65
N ALA A 415 -9.08 -20.18 16.89
CA ALA A 415 -9.66 -20.13 18.22
C ALA A 415 -10.42 -21.41 18.54
N GLU A 416 -11.15 -21.95 17.57
CA GLU A 416 -11.81 -23.24 17.78
C GLU A 416 -10.81 -24.37 17.89
N ALA A 417 -9.65 -24.22 17.23
CA ALA A 417 -8.62 -25.25 17.31
C ALA A 417 -7.90 -25.21 18.65
N GLY A 418 -7.52 -24.01 19.11
CA GLY A 418 -6.88 -23.90 20.41
C GLY A 418 -7.77 -24.45 21.52
N ARG A 419 -9.07 -24.18 21.43
CA ARG A 419 -10.01 -24.81 22.35
C ARG A 419 -10.00 -26.33 22.20
N ALA A 420 -10.21 -26.82 20.98
CA ALA A 420 -10.29 -28.26 20.76
C ALA A 420 -8.99 -28.97 21.11
N LEU A 421 -7.85 -28.26 21.04
CA LEU A 421 -6.57 -28.89 21.37
C LEU A 421 -6.44 -29.21 22.85
N ALA A 422 -7.21 -28.53 23.70
CA ALA A 422 -7.12 -28.80 25.13
C ALA A 422 -8.53 -28.87 25.74
N GLY A 423 -9.31 -27.79 25.59
CA GLY A 423 -10.64 -27.78 26.19
C GLY A 423 -11.61 -28.75 25.56
N GLN A 424 -11.36 -29.15 24.31
CA GLN A 424 -12.16 -30.10 23.55
C GLN A 424 -13.59 -29.62 23.31
N ALA A 425 -13.84 -28.33 23.40
CA ALA A 425 -15.16 -27.78 23.15
C ALA A 425 -15.41 -27.64 21.65
N ALA A 426 -16.67 -27.85 21.26
CA ALA A 426 -17.06 -27.75 19.86
C ALA A 426 -18.54 -27.40 19.79
N GLY A 427 -18.86 -26.34 19.06
CA GLY A 427 -20.24 -25.89 18.93
C GLY A 427 -20.85 -25.30 20.17
N LEU A 428 -20.10 -25.21 21.27
CA LEU A 428 -20.61 -24.69 22.54
C LEU A 428 -19.42 -24.23 23.38
N GLY A 429 -19.69 -23.87 24.63
CA GLY A 429 -18.68 -23.38 25.54
C GLY A 429 -19.14 -22.14 26.28
N LEU A 430 -18.21 -21.24 26.59
CA LEU A 430 -18.54 -19.95 27.16
C LEU A 430 -18.27 -18.83 26.15
N VAL A 431 -17.01 -18.65 25.76
CA VAL A 431 -16.73 -17.88 24.55
C VAL A 431 -17.04 -18.73 23.32
N GLY A 432 -16.95 -20.05 23.42
CA GLY A 432 -17.27 -20.90 22.28
C GLY A 432 -18.70 -20.75 21.79
N LYS A 433 -19.63 -20.41 22.70
CA LYS A 433 -20.99 -20.11 22.28
C LYS A 433 -21.01 -18.94 21.31
N ARG A 434 -20.10 -17.99 21.47
CA ARG A 434 -19.95 -16.87 20.54
C ARG A 434 -18.99 -17.17 19.41
N LEU A 435 -18.00 -18.03 19.63
CA LEU A 435 -17.07 -18.39 18.55
C LEU A 435 -17.76 -19.24 17.50
N SER A 436 -18.52 -20.26 17.93
CA SER A 436 -19.21 -21.13 16.98
C SER A 436 -20.30 -20.39 16.23
N LEU A 437 -20.85 -19.34 16.84
CA LEU A 437 -21.78 -18.47 16.11
C LEU A 437 -21.02 -17.54 15.18
N ALA A 438 -19.78 -17.19 15.52
CA ALA A 438 -18.98 -16.30 14.68
C ALA A 438 -18.59 -16.97 13.37
N ARG A 439 -18.27 -18.28 13.42
CA ARG A 439 -17.96 -19.01 12.20
C ARG A 439 -19.13 -19.00 11.23
N ASN A 440 -20.36 -19.08 11.74
CA ASN A 440 -21.51 -19.15 10.84
C ASN A 440 -21.76 -17.81 10.16
N VAL A 441 -21.31 -16.71 10.77
CA VAL A 441 -21.44 -15.41 10.12
C VAL A 441 -20.32 -15.20 9.11
N LEU A 442 -19.09 -15.58 9.48
CA LEU A 442 -17.95 -15.39 8.60
C LEU A 442 -18.06 -16.25 7.35
N ILE A 443 -18.75 -17.40 7.45
CA ILE A 443 -18.94 -18.25 6.29
C ILE A 443 -19.77 -17.53 5.23
N ALA A 444 -20.83 -16.84 5.66
CA ALA A 444 -21.62 -16.04 4.71
C ALA A 444 -20.79 -14.89 4.15
N LEU A 445 -19.97 -14.26 4.98
CA LEU A 445 -19.10 -13.20 4.50
C LEU A 445 -18.06 -13.74 3.52
N ALA A 446 -17.66 -15.00 3.67
CA ALA A 446 -16.71 -15.57 2.72
C ALA A 446 -17.30 -15.64 1.31
N PHE A 447 -18.59 -16.01 1.21
CA PHE A 447 -19.25 -15.96 -0.09
C PHE A 447 -19.32 -14.53 -0.63
N LEU A 448 -19.31 -13.55 0.27
CA LEU A 448 -19.33 -12.15 -0.14
C LEU A 448 -17.99 -11.71 -0.70
N SER A 449 -16.89 -12.22 -0.14
CA SER A 449 -15.56 -11.88 -0.64
C SER A 449 -15.39 -12.29 -2.10
N SER A 450 -16.09 -13.35 -2.51
CA SER A 450 -16.04 -13.80 -3.88
C SER A 450 -16.74 -12.83 -4.84
N SER A 451 -17.36 -11.77 -4.34
CA SER A 451 -18.05 -10.82 -5.19
C SER A 451 -17.48 -9.41 -5.10
N VAL A 452 -16.39 -9.22 -4.36
CA VAL A 452 -15.79 -7.90 -4.21
C VAL A 452 -14.72 -7.63 -5.26
N ASN A 453 -14.10 -8.66 -5.83
CA ASN A 453 -13.10 -8.42 -6.86
C ASN A 453 -13.68 -7.78 -8.12
N PRO A 454 -14.82 -8.23 -8.67
CA PRO A 454 -15.33 -7.57 -9.88
C PRO A 454 -15.76 -6.12 -9.65
N VAL A 455 -16.35 -5.81 -8.48
CA VAL A 455 -16.69 -4.42 -8.23
C VAL A 455 -15.42 -3.59 -8.04
N LEU A 456 -14.38 -4.16 -7.44
CA LEU A 456 -13.11 -3.45 -7.31
C LEU A 456 -12.50 -3.15 -8.67
N TYR A 457 -12.60 -4.09 -9.61
CA TYR A 457 -12.14 -3.82 -10.97
C TYR A 457 -12.84 -2.60 -11.54
N ALA A 458 -14.17 -2.54 -11.42
CA ALA A 458 -14.91 -1.40 -11.96
C ALA A 458 -14.77 -0.18 -11.08
N PHE A 459 -14.70 -0.37 -9.76
CA PHE A 459 -14.59 0.76 -8.84
C PHE A 459 -13.33 1.57 -9.13
N ALA A 460 -12.17 0.91 -9.11
CA ALA A 460 -10.91 1.62 -9.35
C ALA A 460 -10.85 2.15 -10.78
N GLY A 461 -11.34 1.38 -11.74
CA GLY A 461 -11.30 1.78 -13.14
C GLY A 461 -12.06 3.05 -13.45
N GLY A 462 -13.40 3.00 -13.36
CA GLY A 462 -14.19 4.18 -13.64
C GLY A 462 -13.91 5.33 -12.69
N GLY A 463 -13.53 5.01 -11.45
CA GLY A 463 -13.36 6.07 -10.47
C GLY A 463 -12.20 7.00 -10.77
N LEU A 464 -11.15 6.47 -11.39
CA LEU A 464 -9.94 7.25 -11.63
C LEU A 464 -9.67 7.47 -13.11
N LEU A 465 -9.81 6.44 -13.96
CA LEU A 465 -9.52 6.61 -15.38
C LEU A 465 -10.52 7.55 -16.05
N ARG A 466 -11.81 7.37 -15.76
CA ARG A 466 -12.79 8.30 -16.29
C ARG A 466 -12.60 9.69 -15.69
N SER A 467 -12.10 9.77 -14.46
CA SER A 467 -11.78 11.04 -13.83
C SER A 467 -10.40 11.56 -14.21
N ALA A 468 -9.70 10.90 -15.13
CA ALA A 468 -8.41 11.34 -15.64
C ALA A 468 -8.40 11.31 -17.15
N GLY A 469 -9.54 11.64 -17.76
CA GLY A 469 -9.65 11.72 -19.21
C GLY A 469 -10.54 10.65 -19.80
N VAL A 470 -11.80 11.00 -20.08
CA VAL A 470 -12.72 10.04 -20.66
C VAL A 470 -12.29 9.65 -22.07
N GLY A 471 -11.71 10.59 -22.82
CA GLY A 471 -11.20 10.25 -24.15
C GLY A 471 -9.99 9.32 -24.09
N PHE A 472 -9.14 9.48 -23.07
CA PHE A 472 -7.97 8.62 -22.93
C PHE A 472 -8.37 7.18 -22.71
N VAL A 473 -9.52 6.93 -22.08
CA VAL A 473 -9.97 5.57 -21.82
C VAL A 473 -10.36 4.87 -23.13
N ALA A 474 -11.09 5.57 -23.99
CA ALA A 474 -11.59 4.95 -25.22
C ALA A 474 -10.45 4.48 -26.12
N LYS A 475 -9.40 5.29 -26.24
CA LYS A 475 -8.24 4.92 -27.05
C LYS A 475 -7.64 3.60 -26.60
N LEU A 476 -7.70 3.31 -25.30
CA LEU A 476 -7.23 2.01 -24.82
C LEU A 476 -8.21 0.91 -25.19
N LEU A 477 -9.51 1.16 -25.01
CA LEU A 477 -10.52 0.14 -25.29
C LEU A 477 -10.68 -0.13 -26.78
N GLU A 478 -10.28 0.81 -27.64
CA GLU A 478 -10.42 0.59 -29.09
C GLU A 478 -9.59 -0.60 -29.56
N GLY A 479 -8.49 -0.91 -28.87
CA GLY A 479 -7.70 -2.06 -29.24
C GLY A 479 -8.37 -3.37 -28.85
N THR A 480 -7.58 -4.45 -28.79
CA THR A 480 -8.13 -5.74 -28.36
C THR A 480 -8.66 -5.69 -26.93
N GLY A 481 -8.17 -4.77 -26.12
CA GLY A 481 -8.58 -4.65 -24.74
C GLY A 481 -7.51 -4.98 -23.72
N ALA A 482 -6.33 -5.39 -24.17
CA ALA A 482 -5.27 -5.76 -23.24
C ALA A 482 -4.70 -4.53 -22.54
N GLU A 483 -4.55 -3.42 -23.27
CA GLU A 483 -3.99 -2.22 -22.67
C GLU A 483 -4.92 -1.60 -21.62
N PHE A 484 -6.22 -1.89 -21.67
CA PHE A 484 -7.12 -1.37 -20.65
C PHE A 484 -6.88 -2.05 -19.31
N LEU A 485 -6.76 -3.38 -19.32
CA LEU A 485 -6.55 -4.11 -18.07
C LEU A 485 -5.20 -3.75 -17.45
N GLU A 486 -4.15 -3.66 -18.26
CA GLU A 486 -2.83 -3.34 -17.72
C GLU A 486 -2.78 -1.95 -17.11
N VAL A 487 -3.59 -1.02 -17.62
CA VAL A 487 -3.62 0.33 -17.05
C VAL A 487 -4.37 0.34 -15.73
N LEU A 488 -5.39 -0.51 -15.58
CA LEU A 488 -6.10 -0.61 -14.30
C LEU A 488 -5.18 -1.09 -13.19
N PHE A 489 -4.38 -2.11 -13.47
CA PHE A 489 -3.41 -2.63 -12.52
C PHE A 489 -2.14 -1.80 -12.46
N GLN A 490 -2.17 -0.58 -12.97
CA GLN A 490 -1.02 0.35 -13.00
C GLN A 490 0.15 -0.14 -13.87
O5 VRJ B . -19.72 -26.21 8.49
O4 VRJ B . -21.91 -27.31 9.06
C4 VRJ B . -20.69 -23.47 2.99
C3 VRJ B . -19.40 -23.56 2.51
O3 VRJ B . -21.97 -26.38 6.12
C2 VRJ B . -18.32 -23.72 3.39
O2 VRJ B . -16.66 -25.21 2.61
C1 VRJ B . -18.58 -23.79 4.76
O1 VRJ B . -17.58 -23.96 5.73
C10 VRJ B . -14.86 -21.36 1.77
C11 VRJ B . -14.90 -20.75 0.52
C12 VRJ B . -16.00 -19.96 0.18
C13 VRJ B . -17.02 -19.82 1.13
C14 VRJ B . -19.89 -23.70 5.22
C15 VRJ B . -20.98 -23.54 4.36
C16 VRJ B . -22.37 -23.45 4.84
C17 VRJ B . -23.20 -22.50 4.22
C18 VRJ B . -24.53 -22.34 4.58
C19 VRJ B . -22.97 -24.24 5.87
C20 VRJ B . -24.32 -24.05 6.22
C21 VRJ B . -25.11 -23.10 5.57
C22 VRJ B . -22.24 -25.30 6.64
C23 VRJ B . -21.06 -25.31 10.61
C24 VRJ B . -20.77 -23.82 10.42
C25 VRJ B . -19.92 -25.93 11.47
C26 VRJ B . -22.40 -25.47 11.34
C5 VRJ B . -16.91 -23.83 2.88
C6 VRJ B . -15.90 -23.34 3.93
C7 VRJ B . -16.21 -24.05 5.26
C8 VRJ B . -15.90 -21.81 4.03
C9 VRJ B . -15.92 -21.16 2.66
F1 VRJ B . -25.27 -21.41 3.94
N1 VRJ B . -17.00 -20.40 2.34
N2 VRJ B . -21.91 -24.98 7.99
S1 VRJ B . -21.09 -26.12 8.98
NA NA C . -12.45 -16.18 -3.69
N1 FMN D . 24.77 47.18 2.93
C2 FMN D . 25.60 46.72 1.93
O2 FMN D . 25.11 46.14 0.96
N3 FMN D . 26.97 46.90 2.02
C4 FMN D . 27.50 47.56 3.12
O4 FMN D . 28.71 47.75 3.23
C4A FMN D . 26.66 48.04 4.12
N5 FMN D . 27.20 48.69 5.21
C5A FMN D . 26.37 49.17 6.20
C6 FMN D . 26.91 49.83 7.30
C7 FMN D . 26.08 50.31 8.30
C7M FMN D . 26.64 51.02 9.50
C8 FMN D . 24.70 50.13 8.21
C8M FMN D . 23.80 50.64 9.28
C9 FMN D . 24.17 49.46 7.11
C9A FMN D . 25.00 48.97 6.10
N10 FMN D . 24.46 48.31 5.01
C10 FMN D . 25.29 47.85 4.01
C1' FMN D . 22.98 48.12 4.89
C2' FMN D . 22.46 46.91 5.67
O2' FMN D . 23.01 45.72 5.16
C3' FMN D . 20.94 46.89 5.57
O3' FMN D . 20.39 47.84 6.44
C4' FMN D . 20.37 45.52 5.94
O4' FMN D . 18.97 45.57 5.80
C5' FMN D . 20.73 45.11 7.36
O5' FMN D . 19.99 43.95 7.64
P FMN D . 19.94 43.29 9.11
O1P FMN D . 20.56 44.26 10.09
O2P FMN D . 18.50 43.05 9.47
O3P FMN D . 20.67 41.97 9.16
C1 OLA E . 8.33 -22.85 -13.51
O1 OLA E . 9.07 -22.90 -14.52
O2 OLA E . 8.84 -22.61 -12.39
C2 OLA E . 6.82 -23.07 -13.65
C3 OLA E . 6.08 -22.75 -12.36
C4 OLA E . 5.91 -23.98 -11.47
C5 OLA E . 4.53 -24.00 -10.82
C6 OLA E . 4.42 -22.99 -9.68
C7 OLA E . 3.35 -23.46 -8.70
C8 OLA E . 3.01 -22.40 -7.68
C9 OLA E . 1.91 -22.92 -6.78
C10 OLA E . 1.54 -22.21 -5.71
C24 OLC F . 10.97 -7.23 4.39
C6 OLC F . 8.96 -13.91 -0.61
C5 OLC F . 8.82 -12.41 -0.44
C4 OLC F . 9.90 -11.68 -1.23
C3 OLC F . 10.21 -10.36 -0.53
C2 OLC F . 10.79 -10.59 0.87
C21 OLC F . 11.58 -9.40 3.24
C1 OLC F . 12.04 -9.79 0.96
C22 OLC F . 12.03 -8.37 4.33
O19 OLC F . 13.01 -9.86 0.21
O25 OLC F . 11.70 -6.04 4.59
O23 OLC F . 12.18 -9.02 5.55
O20 OLC F . 12.10 -8.91 2.01
C18 OLC G . 1.81 -25.45 2.02
C10 OLC G . 5.51 -20.47 -3.85
C9 OLC G . 6.60 -19.88 -4.32
C17 OLC G . 1.43 -25.76 0.57
C11 OLC G . 5.23 -21.92 -4.10
C8 OLC G . 7.61 -20.64 -5.13
C24 OLC G . 15.89 -16.40 -12.61
C16 OLC G . 1.61 -24.51 -0.29
C12 OLC G . 4.06 -22.40 -3.25
C7 OLC G . 8.37 -19.68 -6.04
C15 OLC G . 3.04 -24.41 -0.83
C13 OLC G . 4.57 -22.71 -1.85
C6 OLC G . 9.37 -18.88 -5.20
C14 OLC G . 3.40 -22.93 -0.92
C5 OLC G . 10.48 -18.35 -6.10
C4 OLC G . 9.90 -17.40 -7.14
C3 OLC G . 11.01 -16.48 -7.61
C2 OLC G . 11.95 -17.18 -8.58
C21 OLC G . 14.93 -16.28 -10.28
C1 OLC G . 12.93 -16.15 -9.05
C22 OLC G . 15.40 -17.26 -11.41
O19 OLC G . 13.24 -15.12 -8.47
O25 OLC G . 15.82 -17.27 -13.71
O23 OLC G . 16.39 -18.11 -10.93
O20 OLC G . 13.51 -16.43 -10.25
OH2 1PE H . 24.63 18.68 -7.41
C12 1PE H . 23.99 19.16 -6.22
C22 1PE H . 22.49 19.26 -6.49
OH3 1PE H . 21.75 18.41 -5.62
C13 1PE H . 20.10 16.67 -6.15
C23 1PE H . 21.55 17.13 -6.21
OH4 1PE H . 19.34 17.47 -7.08
C14 1PE H . 17.50 17.67 -8.61
C24 1PE H . 18.29 16.74 -7.69
OH5 1PE H . 18.36 18.74 -8.96
C15 1PE H . 19.50 19.82 -10.71
C25 1PE H . 18.19 19.15 -10.31
OH6 1PE H . 20.57 19.03 -10.20
C16 1PE H . 22.85 18.33 -10.54
C26 1PE H . 21.83 19.45 -10.71
OH7 1PE H . 23.97 18.57 -11.40
O1 2PE I . 2.79 -19.28 -5.80
C2 2PE I . 3.02 -18.01 -6.37
C3 2PE I . 3.74 -18.16 -7.72
O4 2PE I . 5.05 -18.60 -7.51
C5 2PE I . 5.93 -18.35 -8.57
C6 2PE I . 6.45 -16.92 -8.48
O7 2PE I . 6.16 -16.23 -9.66
C8 2PE I . 6.89 -15.05 -9.84
C9 2PE I . 6.29 -14.23 -10.98
O10 2PE I . 6.75 -14.70 -12.22
C11 2PE I . 5.99 -14.27 -13.32
C12 2PE I . 4.82 -15.24 -13.55
O13 2PE I . 3.77 -14.57 -14.20
C14 2PE I . 2.51 -14.82 -13.64
C15 2PE I . 2.38 -14.06 -12.31
O16 2PE I . 1.12 -13.46 -12.22
C17 2PE I . 1.01 -12.23 -12.89
C18 2PE I . -0.17 -11.42 -12.34
O19 2PE I . 0.16 -10.06 -12.38
C20 2PE I . -0.83 -9.22 -11.89
C21 2PE I . -0.22 -8.33 -10.80
O22 2PE I . -0.08 -7.02 -11.28
C23 2PE I . 1.07 -6.84 -12.06
C24 2PE I . 1.02 -5.48 -12.75
O25 2PE I . 2.21 -5.30 -13.46
C26 2PE I . 3.31 -4.95 -12.66
C27 2PE I . 4.52 -5.82 -13.03
O28 2PE I . 4.66 -5.89 -14.43
O1 P6G J . 17.18 10.12 2.92
C2 P6G J . 18.05 10.88 2.07
C3 P6G J . 17.98 12.35 2.46
O4 P6G J . 18.17 13.17 1.31
C5 P6G J . 17.53 14.42 1.47
C6 P6G J . 17.70 15.30 0.24
O7 P6G J . 16.43 15.44 -0.40
C8 P6G J . 15.68 16.47 0.20
C9 P6G J . 14.53 16.92 -0.70
O10 P6G J . 13.68 15.83 -1.00
C11 P6G J . 12.35 16.28 -1.28
C12 P6G J . 11.66 15.33 -2.24
O13 P6G J . 11.56 14.02 -1.69
C14 P6G J . 10.95 13.15 -2.63
C15 P6G J . 10.96 11.72 -2.12
O16 P6G J . 9.96 11.55 -1.12
C17 P6G J . 8.97 10.66 -1.62
C18 P6G J . 8.97 9.35 -0.84
O19 P6G J . 8.22 8.39 -1.59
#